data_4LSW
#
_entry.id   4LSW
#
_cell.length_a   111.202
_cell.length_b   52.333
_cell.length_c   65.647
_cell.angle_alpha   90.00
_cell.angle_beta   107.46
_cell.angle_gamma   90.00
#
_symmetry.space_group_name_H-M   'C 1 2 1'
#
loop_
_entity.id
_entity.type
_entity.pdbx_description
1 polymer 'D-2-hydroxyacid dehydrogensase protein'
2 water water
#
_entity_poly.entity_id   1
_entity_poly.type   'polypeptide(L)'
_entity_poly.pdbx_seq_one_letter_code
;MTKPEILQLGPYPAWDQEPLDAAFTVHRLFEADDRAAMLANVGDRIRAIATRGELGASRALIEACPNLELISVYGVGYDA
VDLAACRERGIQVTNTPDVLTGDVADLGVAMMLAQSRGIIGAETWARSGKWAAEGLYPLKRRVFGRRAGVLGLGRIGFEV
ARRLAGFDMQISYSDIAPKSYAPDWTFVEDAVTLARDVDFLFVTLAASAATRHIVGRDVIEALGPEGMLINISRASNIDE
EALIAALADGRLGSAALDVFEGEPNFDPRFRDLPNVLLQPHHASGTIETRKAMGQLLRDNLTAHFAGSPLLTPVVLEH
;
_entity_poly.pdbx_strand_id   A
#
# COMPACT_ATOMS: atom_id res chain seq x y z
N MET A 1 -17.23 36.76 -5.01
CA MET A 1 -16.09 35.85 -4.94
C MET A 1 -16.59 34.48 -4.52
N THR A 2 -15.77 33.45 -4.73
CA THR A 2 -16.20 32.09 -4.43
C THR A 2 -15.15 31.30 -3.68
N LYS A 3 -15.60 30.53 -2.71
CA LYS A 3 -14.81 29.49 -2.09
C LYS A 3 -15.66 28.24 -2.25
N PRO A 4 -15.39 27.45 -3.30
CA PRO A 4 -16.23 26.30 -3.64
C PRO A 4 -16.47 25.38 -2.45
N GLU A 5 -17.68 24.84 -2.38
CA GLU A 5 -18.04 24.06 -1.21
C GLU A 5 -17.76 22.59 -1.44
N ILE A 6 -17.01 22.02 -0.50
CA ILE A 6 -16.62 20.63 -0.60
C ILE A 6 -16.95 19.88 0.70
N LEU A 7 -17.12 18.57 0.57
CA LEU A 7 -17.43 17.73 1.72
C LEU A 7 -16.24 16.82 1.98
N GLN A 8 -15.68 16.91 3.19
CA GLN A 8 -14.49 16.14 3.55
C GLN A 8 -14.90 15.00 4.48
N LEU A 9 -14.56 13.76 4.12
CA LEU A 9 -15.10 12.61 4.83
C LEU A 9 -14.25 12.11 6.00
N GLY A 10 -12.96 12.42 5.98
CA GLY A 10 -12.07 12.05 7.07
C GLY A 10 -10.95 13.07 7.23
N PRO A 11 -10.29 13.06 8.39
CA PRO A 11 -9.22 14.04 8.65
C PRO A 11 -8.00 13.90 7.73
N TYR A 12 -7.30 15.01 7.50
CA TYR A 12 -6.02 15.02 6.81
C TYR A 12 -5.01 15.71 7.71
N PRO A 13 -3.71 15.52 7.44
CA PRO A 13 -2.69 16.26 8.21
C PRO A 13 -2.89 17.76 8.07
N ALA A 14 -2.44 18.52 9.07
CA ALA A 14 -2.59 19.98 9.07
C ALA A 14 -2.02 20.65 7.82
N TRP A 15 -0.94 20.09 7.26
CA TRP A 15 -0.31 20.72 6.10
C TRP A 15 -1.18 20.64 4.82
N ASP A 16 -2.21 19.78 4.87
CA ASP A 16 -3.23 19.76 3.82
C ASP A 16 -4.48 20.50 4.26
N GLN A 17 -4.85 20.31 5.53
CA GLN A 17 -6.08 20.91 6.04
C GLN A 17 -6.06 22.43 5.93
N GLU A 18 -4.95 23.04 6.33
CA GLU A 18 -4.85 24.50 6.27
C GLU A 18 -5.07 25.06 4.87
N PRO A 19 -4.35 24.56 3.84
CA PRO A 19 -4.62 25.15 2.51
C PRO A 19 -5.97 24.76 1.92
N LEU A 20 -6.51 23.62 2.32
CA LEU A 20 -7.86 23.25 1.92
C LEU A 20 -8.88 24.25 2.46
N ASP A 21 -8.77 24.55 3.75
CA ASP A 21 -9.71 25.48 4.40
C ASP A 21 -9.54 26.90 3.88
N ALA A 22 -8.36 27.24 3.41
CA ALA A 22 -8.09 28.58 2.88
C ALA A 22 -8.73 28.81 1.51
N ALA A 23 -8.80 27.75 0.72
CA ALA A 23 -9.32 27.86 -0.65
C ALA A 23 -10.79 27.49 -0.77
N PHE A 24 -11.27 26.63 0.11
CA PHE A 24 -12.61 26.07 -0.03
C PHE A 24 -13.46 26.27 1.21
N THR A 25 -14.78 26.16 1.05
CA THR A 25 -15.68 26.08 2.19
C THR A 25 -15.81 24.59 2.49
N VAL A 26 -15.09 24.12 3.50
CA VAL A 26 -14.98 22.69 3.76
C VAL A 26 -15.90 22.27 4.88
N HIS A 27 -16.83 21.37 4.54
CA HIS A 27 -17.73 20.78 5.52
C HIS A 27 -17.16 19.43 5.96
N ARG A 28 -16.87 19.32 7.25
CA ARG A 28 -16.26 18.11 7.80
C ARG A 28 -17.33 17.15 8.29
N LEU A 29 -17.67 16.17 7.47
CA LEU A 29 -18.73 15.23 7.83
C LEU A 29 -18.30 14.40 9.05
N PHE A 30 -17.00 14.21 9.20
CA PHE A 30 -16.44 13.40 10.28
C PHE A 30 -16.41 14.12 11.62
N GLU A 31 -16.88 15.38 11.65
CA GLU A 31 -16.97 16.13 12.89
C GLU A 31 -18.42 16.44 13.23
N ALA A 32 -19.34 15.95 12.40
CA ALA A 32 -20.75 16.26 12.59
C ALA A 32 -21.38 15.39 13.67
N ASP A 33 -22.13 16.02 14.57
CA ASP A 33 -22.87 15.31 15.61
C ASP A 33 -23.97 14.46 14.97
N ASP A 34 -24.48 14.92 13.84
CA ASP A 34 -25.60 14.25 13.19
C ASP A 34 -25.41 14.29 11.67
N ARG A 35 -25.16 13.13 11.09
CA ARG A 35 -24.84 13.01 9.67
C ARG A 35 -25.94 13.57 8.78
N ALA A 36 -27.16 13.10 8.98
CA ALA A 36 -28.29 13.51 8.17
C ALA A 36 -28.52 15.02 8.24
N ALA A 37 -28.32 15.61 9.41
CA ALA A 37 -28.51 17.05 9.55
C ALA A 37 -27.54 17.84 8.68
N MET A 38 -26.27 17.45 8.70
CA MET A 38 -25.29 18.14 7.88
C MET A 38 -25.58 17.97 6.40
N LEU A 39 -25.93 16.74 6.00
CA LEU A 39 -26.26 16.48 4.60
C LEU A 39 -27.49 17.25 4.15
N ALA A 40 -28.50 17.36 5.01
CA ALA A 40 -29.67 18.17 4.68
C ALA A 40 -29.28 19.64 4.50
N ASN A 41 -28.44 20.13 5.40
CA ASN A 41 -28.02 21.52 5.36
C ASN A 41 -27.19 21.88 4.14
N VAL A 42 -26.21 21.05 3.81
CA VAL A 42 -25.22 21.45 2.81
C VAL A 42 -25.12 20.54 1.58
N GLY A 43 -25.83 19.41 1.58
CA GLY A 43 -25.77 18.49 0.47
C GLY A 43 -25.92 19.12 -0.91
N ASP A 44 -26.91 20.00 -1.06
CA ASP A 44 -27.15 20.67 -2.32
C ASP A 44 -25.97 21.52 -2.79
N ARG A 45 -25.17 21.97 -1.82
CA ARG A 45 -24.06 22.85 -2.14
C ARG A 45 -22.79 22.14 -2.56
N ILE A 46 -22.69 20.85 -2.26
CA ILE A 46 -21.43 20.13 -2.44
C ILE A 46 -21.08 19.90 -3.90
N ARG A 47 -19.94 20.44 -4.32
CA ARG A 47 -19.48 20.27 -5.69
C ARG A 47 -18.35 19.25 -5.76
N ALA A 48 -17.66 19.03 -4.65
CA ALA A 48 -16.63 17.99 -4.62
C ALA A 48 -16.56 17.32 -3.25
N ILE A 49 -16.22 16.03 -3.26
CA ILE A 49 -15.94 15.30 -2.03
C ILE A 49 -14.45 15.06 -1.97
N ALA A 50 -13.88 15.26 -0.78
CA ALA A 50 -12.48 14.91 -0.52
C ALA A 50 -12.52 13.74 0.42
N THR A 51 -11.95 12.62 -0.01
CA THR A 51 -12.05 11.41 0.79
C THR A 51 -10.70 10.71 0.87
N ARG A 52 -10.74 9.48 1.35
CA ARG A 52 -9.56 8.64 1.46
C ARG A 52 -9.90 7.27 0.89
N GLY A 53 -8.88 6.52 0.48
CA GLY A 53 -9.08 5.21 -0.10
C GLY A 53 -10.00 4.34 0.74
N GLU A 54 -9.77 4.37 2.05
CA GLU A 54 -10.57 3.60 3.00
C GLU A 54 -12.04 3.98 2.98
N LEU A 55 -12.31 5.26 3.19
CA LEU A 55 -13.65 5.79 3.38
C LEU A 55 -14.51 5.78 2.12
N GLY A 56 -13.89 6.07 0.98
CA GLY A 56 -14.58 6.05 -0.29
C GLY A 56 -15.71 7.06 -0.36
N ALA A 57 -16.82 6.65 -0.97
CA ALA A 57 -18.00 7.49 -1.09
C ALA A 57 -19.15 6.60 -1.55
N SER A 58 -20.16 6.44 -0.70
CA SER A 58 -21.25 5.53 -1.00
C SER A 58 -22.27 6.13 -1.96
N ARG A 59 -23.09 5.26 -2.55
CA ARG A 59 -24.19 5.70 -3.39
C ARG A 59 -25.11 6.67 -2.64
N ALA A 60 -25.43 6.36 -1.39
CA ALA A 60 -26.34 7.20 -0.63
C ALA A 60 -25.74 8.58 -0.41
N LEU A 61 -24.44 8.64 -0.16
CA LEU A 61 -23.76 9.91 0.02
C LEU A 61 -23.78 10.72 -1.28
N ILE A 62 -23.47 10.05 -2.38
CA ILE A 62 -23.52 10.67 -3.70
C ILE A 62 -24.93 11.20 -4.00
N GLU A 63 -25.94 10.43 -3.65
CA GLU A 63 -27.34 10.85 -3.85
C GLU A 63 -27.68 12.09 -3.03
N ALA A 64 -27.04 12.23 -1.88
CA ALA A 64 -27.29 13.36 -0.99
C ALA A 64 -26.59 14.62 -1.50
N CYS A 65 -25.74 14.47 -2.50
CA CYS A 65 -25.01 15.58 -3.09
C CYS A 65 -25.36 15.69 -4.57
N PRO A 66 -26.57 16.19 -4.88
CA PRO A 66 -27.09 16.13 -6.25
C PRO A 66 -26.32 16.96 -7.26
N ASN A 67 -25.51 17.90 -6.78
CA ASN A 67 -24.73 18.76 -7.66
C ASN A 67 -23.24 18.42 -7.62
N LEU A 68 -22.93 17.24 -7.08
CA LEU A 68 -21.56 16.73 -7.05
C LEU A 68 -20.91 16.64 -8.44
N GLU A 69 -19.65 17.08 -8.51
CA GLU A 69 -18.92 17.10 -9.79
C GLU A 69 -17.71 16.16 -9.75
N LEU A 70 -17.13 16.01 -8.57
CA LEU A 70 -15.81 15.40 -8.47
C LEU A 70 -15.62 14.77 -7.11
N ILE A 71 -15.02 13.58 -7.09
CA ILE A 71 -14.58 12.98 -5.84
C ILE A 71 -13.08 12.80 -5.96
N SER A 72 -12.35 13.45 -5.07
CA SER A 72 -10.89 13.38 -5.05
C SER A 72 -10.45 12.54 -3.86
N VAL A 73 -9.68 11.50 -4.16
CA VAL A 73 -9.25 10.55 -3.15
C VAL A 73 -7.79 10.78 -2.75
N TYR A 74 -7.55 10.81 -1.44
CA TYR A 74 -6.20 10.83 -0.88
C TYR A 74 -5.73 9.37 -0.79
N GLY A 75 -4.74 9.02 -1.61
CA GLY A 75 -4.26 7.65 -1.68
C GLY A 75 -4.40 7.04 -3.07
N VAL A 76 -3.81 5.85 -3.24
CA VAL A 76 -3.85 5.17 -4.53
C VAL A 76 -5.18 4.45 -4.81
N GLY A 77 -5.60 3.63 -3.85
CA GLY A 77 -6.81 2.84 -4.02
C GLY A 77 -8.04 3.70 -3.89
N TYR A 78 -9.12 3.27 -4.54
CA TYR A 78 -10.38 3.98 -4.48
C TYR A 78 -11.55 3.00 -4.58
N ASP A 79 -11.28 1.78 -4.10
CA ASP A 79 -12.24 0.69 -4.07
C ASP A 79 -13.60 1.06 -3.48
N ALA A 80 -13.57 1.86 -2.42
CA ALA A 80 -14.78 2.16 -1.66
C ALA A 80 -15.58 3.33 -2.23
N VAL A 81 -15.08 3.93 -3.31
CA VAL A 81 -15.90 4.90 -4.04
C VAL A 81 -16.83 4.08 -4.93
N ASP A 82 -18.12 4.41 -4.92
CA ASP A 82 -19.09 3.69 -5.74
C ASP A 82 -18.99 4.18 -7.18
N LEU A 83 -18.23 3.46 -8.00
CA LEU A 83 -17.95 3.91 -9.35
C LEU A 83 -19.19 3.90 -10.25
N ALA A 84 -20.06 2.92 -10.06
CA ALA A 84 -21.28 2.84 -10.84
C ALA A 84 -22.16 4.08 -10.62
N ALA A 85 -22.25 4.51 -9.35
CA ALA A 85 -23.01 5.70 -9.01
C ALA A 85 -22.36 6.92 -9.68
N CYS A 86 -21.04 6.96 -9.69
CA CYS A 86 -20.33 8.06 -10.32
C CYS A 86 -20.60 8.12 -11.82
N ARG A 87 -20.46 6.98 -12.49
CA ARG A 87 -20.62 6.96 -13.94
C ARG A 87 -22.05 7.22 -14.38
N GLU A 88 -23.03 6.83 -13.56
CA GLU A 88 -24.42 7.15 -13.83
C GLU A 88 -24.63 8.66 -13.87
N ARG A 89 -23.84 9.38 -13.06
CA ARG A 89 -24.10 10.79 -12.79
C ARG A 89 -23.13 11.77 -13.44
N GLY A 90 -22.11 11.25 -14.13
CA GLY A 90 -21.13 12.11 -14.73
C GLY A 90 -20.13 12.62 -13.73
N ILE A 91 -20.05 11.96 -12.58
CA ILE A 91 -19.09 12.35 -11.56
C ILE A 91 -17.70 11.80 -11.88
N GLN A 92 -16.70 12.68 -11.82
CA GLN A 92 -15.33 12.29 -12.08
C GLN A 92 -14.60 11.95 -10.77
N VAL A 93 -13.55 11.15 -10.86
CA VAL A 93 -12.81 10.71 -9.67
C VAL A 93 -11.30 10.85 -9.92
N THR A 94 -10.56 11.32 -8.92
CA THR A 94 -9.10 11.37 -9.00
C THR A 94 -8.50 10.63 -7.80
N ASN A 95 -7.24 10.18 -7.96
CA ASN A 95 -6.51 9.60 -6.83
C ASN A 95 -5.14 10.25 -6.71
N THR A 96 -4.24 9.64 -5.92
CA THR A 96 -2.87 10.16 -5.80
C THR A 96 -1.81 9.10 -6.06
N PRO A 97 -1.58 8.76 -7.33
CA PRO A 97 -0.65 7.69 -7.71
C PRO A 97 0.80 8.18 -7.84
N ASP A 98 1.72 7.22 -7.91
CA ASP A 98 3.13 7.45 -8.26
C ASP A 98 3.99 8.07 -7.17
N VAL A 99 3.43 9.00 -6.42
CA VAL A 99 4.24 9.72 -5.44
C VAL A 99 4.72 8.86 -4.26
N LEU A 100 4.17 7.67 -4.08
CA LEU A 100 4.54 6.81 -2.96
C LEU A 100 5.45 5.63 -3.34
N THR A 101 5.66 5.46 -4.65
CA THR A 101 6.26 4.24 -5.19
C THR A 101 7.66 3.97 -4.63
N GLY A 102 8.51 4.99 -4.65
CA GLY A 102 9.89 4.81 -4.25
C GLY A 102 10.03 4.50 -2.77
N ASP A 103 9.25 5.16 -1.94
CA ASP A 103 9.33 4.92 -0.50
C ASP A 103 8.80 3.55 -0.13
N VAL A 104 7.78 3.07 -0.82
CA VAL A 104 7.26 1.74 -0.56
C VAL A 104 8.33 0.70 -0.92
N ALA A 105 8.96 0.89 -2.07
CA ALA A 105 10.01 -0.03 -2.50
C ALA A 105 11.19 0.01 -1.53
N ASP A 106 11.58 1.20 -1.09
CA ASP A 106 12.63 1.33 -0.08
C ASP A 106 12.33 0.50 1.16
N LEU A 107 11.11 0.58 1.69
CA LEU A 107 10.82 -0.13 2.93
C LEU A 107 10.85 -1.64 2.71
N GLY A 108 10.31 -2.09 1.58
CA GLY A 108 10.34 -3.52 1.27
C GLY A 108 11.74 -4.10 1.29
N VAL A 109 12.66 -3.41 0.60
CA VAL A 109 14.03 -3.87 0.56
C VAL A 109 14.71 -3.77 1.93
N ALA A 110 14.43 -2.70 2.65
CA ALA A 110 14.95 -2.52 4.00
C ALA A 110 14.50 -3.64 4.93
N MET A 111 13.26 -4.06 4.77
CA MET A 111 12.70 -5.13 5.56
C MET A 111 13.37 -6.48 5.29
N MET A 112 13.61 -6.79 4.02
CA MET A 112 14.36 -7.99 3.67
C MET A 112 15.72 -8.00 4.36
N LEU A 113 16.43 -6.87 4.27
CA LEU A 113 17.75 -6.77 4.87
C LEU A 113 17.69 -6.91 6.37
N ALA A 114 16.75 -6.22 7.00
CA ALA A 114 16.60 -6.26 8.45
C ALA A 114 16.30 -7.66 8.98
N GLN A 115 15.42 -8.39 8.29
CA GLN A 115 15.09 -9.73 8.72
C GLN A 115 16.23 -10.69 8.45
N SER A 116 16.81 -10.62 7.25
CA SER A 116 17.88 -11.54 6.90
C SER A 116 19.10 -11.38 7.81
N ARG A 117 19.45 -10.13 8.13
CA ARG A 117 20.64 -9.87 8.94
C ARG A 117 20.33 -9.73 10.43
N GLY A 118 19.08 -10.00 10.82
CA GLY A 118 18.65 -9.96 12.21
C GLY A 118 18.92 -8.65 12.91
N ILE A 119 18.61 -7.55 12.23
CA ILE A 119 18.94 -6.22 12.74
C ILE A 119 18.17 -5.86 14.01
N ILE A 120 16.91 -6.29 14.10
CA ILE A 120 16.09 -6.05 15.28
C ILE A 120 16.73 -6.66 16.51
N GLY A 121 17.03 -7.95 16.43
CA GLY A 121 17.64 -8.66 17.54
C GLY A 121 19.03 -8.16 17.87
N ALA A 122 19.72 -7.67 16.84
CA ALA A 122 21.10 -7.22 17.00
C ALA A 122 21.13 -5.92 17.77
N GLU A 123 20.13 -5.07 17.52
CA GLU A 123 20.00 -3.81 18.25
C GLU A 123 19.79 -4.14 19.73
N THR A 124 18.79 -4.97 20.01
CA THR A 124 18.49 -5.40 21.38
C THR A 124 19.72 -6.04 22.03
N TRP A 125 20.46 -6.83 21.25
CA TRP A 125 21.66 -7.50 21.76
C TRP A 125 22.68 -6.50 22.31
N ALA A 126 22.94 -5.44 21.55
CA ALA A 126 23.89 -4.43 21.99
C ALA A 126 23.27 -3.56 23.09
N ARG A 127 22.02 -3.17 22.89
CA ARG A 127 21.35 -2.24 23.82
C ARG A 127 21.17 -2.84 25.22
N SER A 128 20.76 -4.11 25.27
CA SER A 128 20.50 -4.79 26.55
C SER A 128 21.77 -5.08 27.32
N GLY A 129 22.90 -5.12 26.62
CA GLY A 129 24.17 -5.41 27.25
C GLY A 129 24.62 -6.85 27.11
N LYS A 130 23.85 -7.66 26.39
CA LYS A 130 24.19 -9.06 26.20
C LYS A 130 25.41 -9.27 25.31
N TRP A 131 25.69 -8.29 24.45
CA TRP A 131 26.89 -8.34 23.61
C TRP A 131 28.15 -8.44 24.49
N ALA A 132 28.20 -7.63 25.55
CA ALA A 132 29.35 -7.64 26.44
C ALA A 132 29.31 -8.81 27.41
N ALA A 133 28.12 -9.13 27.92
CA ALA A 133 27.97 -10.13 28.98
C ALA A 133 27.95 -11.57 28.48
N GLU A 134 27.48 -11.78 27.26
CA GLU A 134 27.37 -13.13 26.72
C GLU A 134 28.38 -13.41 25.62
N GLY A 135 28.46 -12.49 24.65
CA GLY A 135 29.35 -12.66 23.53
C GLY A 135 28.68 -12.32 22.21
N LEU A 136 29.16 -12.94 21.15
CA LEU A 136 28.71 -12.69 19.78
C LEU A 136 27.21 -12.87 19.55
N TYR A 137 26.60 -11.95 18.81
CA TYR A 137 25.27 -12.17 18.24
C TYR A 137 25.43 -13.31 17.25
N PRO A 138 24.45 -14.22 17.19
CA PRO A 138 24.55 -15.33 16.24
C PRO A 138 24.73 -14.86 14.79
N LEU A 139 25.50 -15.61 14.01
CA LEU A 139 25.67 -15.32 12.60
C LEU A 139 24.32 -15.39 11.87
N LYS A 140 24.10 -14.42 10.98
CA LYS A 140 22.86 -14.36 10.21
C LYS A 140 23.09 -14.71 8.74
N ARG A 141 22.17 -14.32 7.87
CA ARG A 141 22.18 -14.79 6.49
C ARG A 141 22.40 -13.69 5.46
N ARG A 142 23.32 -13.98 4.53
CA ARG A 142 23.64 -13.09 3.42
C ARG A 142 22.44 -12.72 2.55
N VAL A 143 22.44 -11.49 2.07
CA VAL A 143 21.48 -11.06 1.06
C VAL A 143 22.10 -11.01 -0.35
N PHE A 144 23.18 -10.26 -0.52
CA PHE A 144 23.69 -9.96 -1.85
C PHE A 144 24.02 -11.22 -2.66
N GLY A 145 23.77 -11.14 -3.97
CA GLY A 145 24.12 -12.21 -4.88
C GLY A 145 23.16 -13.40 -4.86
N ARG A 146 22.18 -13.38 -3.98
CA ARG A 146 21.25 -14.50 -3.84
C ARG A 146 20.04 -14.29 -4.75
N ARG A 147 19.04 -15.15 -4.64
CA ARG A 147 17.94 -15.17 -5.60
C ARG A 147 16.69 -14.48 -5.03
N ALA A 148 16.12 -13.56 -5.80
CA ALA A 148 14.94 -12.83 -5.37
C ALA A 148 13.87 -12.87 -6.44
N GLY A 149 12.62 -13.05 -6.00
CA GLY A 149 11.49 -13.04 -6.90
C GLY A 149 10.59 -11.89 -6.55
N VAL A 150 10.01 -11.26 -7.57
CA VAL A 150 9.08 -10.17 -7.38
C VAL A 150 7.73 -10.56 -7.98
N LEU A 151 6.72 -10.67 -7.12
CA LEU A 151 5.37 -11.08 -7.53
C LEU A 151 4.54 -9.84 -7.78
N GLY A 152 4.36 -9.52 -9.06
CA GLY A 152 3.75 -8.27 -9.46
C GLY A 152 4.83 -7.27 -9.82
N LEU A 153 5.03 -7.04 -11.11
CA LEU A 153 6.08 -6.12 -11.54
C LEU A 153 5.50 -4.87 -12.20
N GLY A 154 4.60 -4.21 -11.46
CA GLY A 154 4.11 -2.89 -11.81
C GLY A 154 5.05 -1.84 -11.27
N ARG A 155 4.53 -0.65 -10.98
CA ARG A 155 5.34 0.46 -10.50
C ARG A 155 6.22 0.04 -9.32
N ILE A 156 5.58 -0.54 -8.30
CA ILE A 156 6.28 -0.85 -7.06
C ILE A 156 7.27 -2.00 -7.26
N GLY A 157 6.81 -3.07 -7.90
CA GLY A 157 7.66 -4.20 -8.12
C GLY A 157 8.90 -3.85 -8.93
N PHE A 158 8.71 -3.02 -9.95
CA PHE A 158 9.82 -2.54 -10.74
C PHE A 158 10.84 -1.80 -9.88
N GLU A 159 10.36 -0.91 -9.04
CA GLU A 159 11.28 -0.16 -8.18
C GLU A 159 12.00 -1.08 -7.20
N VAL A 160 11.30 -2.08 -6.67
CA VAL A 160 11.96 -3.07 -5.84
C VAL A 160 13.09 -3.77 -6.60
N ALA A 161 12.79 -4.25 -7.81
CA ALA A 161 13.78 -4.94 -8.61
C ALA A 161 15.02 -4.09 -8.89
N ARG A 162 14.81 -2.78 -9.14
CA ARG A 162 15.94 -1.88 -9.40
C ARG A 162 16.86 -1.82 -8.19
N ARG A 163 16.27 -1.79 -7.01
CA ARG A 163 17.05 -1.78 -5.76
C ARG A 163 17.76 -3.10 -5.55
N LEU A 164 17.09 -4.21 -5.85
CA LEU A 164 17.70 -5.53 -5.69
C LEU A 164 18.90 -5.73 -6.63
N ALA A 165 18.84 -5.12 -7.82
CA ALA A 165 19.93 -5.27 -8.78
C ALA A 165 21.25 -4.67 -8.26
N GLY A 166 21.14 -3.63 -7.43
CA GLY A 166 22.33 -3.03 -6.83
C GLY A 166 23.01 -3.96 -5.84
N PHE A 167 22.27 -4.96 -5.36
CA PHE A 167 22.80 -6.02 -4.49
C PHE A 167 23.21 -7.28 -5.28
N ASP A 168 23.27 -7.13 -6.61
CA ASP A 168 23.67 -8.20 -7.52
C ASP A 168 22.84 -9.45 -7.36
N MET A 169 21.58 -9.26 -7.02
CA MET A 169 20.72 -10.42 -6.88
C MET A 169 20.31 -10.99 -8.22
N GLN A 170 20.00 -12.29 -8.21
CA GLN A 170 19.45 -12.98 -9.37
C GLN A 170 17.94 -12.80 -9.30
N ILE A 171 17.42 -12.00 -10.21
CA ILE A 171 16.05 -11.51 -10.10
C ILE A 171 15.12 -12.15 -11.12
N SER A 172 14.01 -12.69 -10.61
CA SER A 172 12.92 -13.15 -11.46
C SER A 172 11.62 -12.49 -11.01
N TYR A 173 10.60 -12.59 -11.83
CA TYR A 173 9.33 -11.97 -11.48
C TYR A 173 8.19 -12.71 -12.15
N SER A 174 6.99 -12.56 -11.58
CA SER A 174 5.79 -13.09 -12.20
C SER A 174 4.74 -11.99 -12.29
N ASP A 175 3.96 -12.02 -13.37
CA ASP A 175 2.88 -11.07 -13.58
C ASP A 175 1.99 -11.68 -14.64
N ILE A 176 0.97 -10.95 -15.07
CA ILE A 176 0.03 -11.42 -16.09
C ILE A 176 0.70 -11.60 -17.45
N ALA A 177 1.75 -10.82 -17.70
CA ALA A 177 2.54 -10.92 -18.92
C ALA A 177 3.92 -10.36 -18.68
N PRO A 178 4.90 -10.71 -19.53
CA PRO A 178 6.22 -10.11 -19.41
C PRO A 178 6.14 -8.61 -19.62
N LYS A 179 7.06 -7.89 -18.97
CA LYS A 179 7.08 -6.44 -19.06
C LYS A 179 8.24 -5.97 -19.94
N SER A 180 7.98 -4.96 -20.76
CA SER A 180 9.01 -4.48 -21.70
C SER A 180 10.19 -3.87 -20.97
N TYR A 181 9.92 -3.41 -19.75
CA TYR A 181 10.94 -2.74 -18.97
C TYR A 181 11.71 -3.69 -18.06
N ALA A 182 11.57 -5.00 -18.28
CA ALA A 182 12.32 -5.99 -17.50
C ALA A 182 13.18 -6.90 -18.36
N PRO A 183 14.00 -6.31 -19.24
CA PRO A 183 14.71 -7.19 -20.18
C PRO A 183 15.75 -8.12 -19.53
N ASP A 184 16.26 -7.78 -18.35
CA ASP A 184 17.33 -8.55 -17.73
C ASP A 184 16.87 -9.44 -16.58
N TRP A 185 15.56 -9.51 -16.37
CA TRP A 185 15.00 -10.35 -15.31
C TRP A 185 14.10 -11.43 -15.89
N THR A 186 14.10 -12.59 -15.25
CA THR A 186 13.40 -13.76 -15.77
C THR A 186 11.92 -13.72 -15.44
N PHE A 187 11.10 -13.69 -16.50
CA PHE A 187 9.66 -13.84 -16.35
C PHE A 187 9.27 -15.27 -16.07
N VAL A 188 8.39 -15.43 -15.09
CA VAL A 188 7.85 -16.73 -14.67
C VAL A 188 6.32 -16.63 -14.68
N GLU A 189 5.63 -17.63 -15.24
CA GLU A 189 4.18 -17.55 -15.41
C GLU A 189 3.39 -17.53 -14.11
N ASP A 190 3.84 -18.29 -13.12
CA ASP A 190 3.02 -18.50 -11.94
C ASP A 190 3.83 -18.32 -10.67
N ALA A 191 3.13 -18.06 -9.58
CA ALA A 191 3.77 -17.75 -8.30
C ALA A 191 4.47 -18.96 -7.67
N VAL A 192 3.95 -20.17 -7.88
CA VAL A 192 4.60 -21.35 -7.31
C VAL A 192 6.00 -21.55 -7.88
N THR A 193 6.10 -21.49 -9.21
CA THR A 193 7.39 -21.64 -9.87
C THR A 193 8.33 -20.51 -9.48
N LEU A 194 7.80 -19.30 -9.41
CA LEU A 194 8.61 -18.15 -9.00
C LEU A 194 9.22 -18.41 -7.64
N ALA A 195 8.39 -18.83 -6.70
CA ALA A 195 8.83 -19.04 -5.33
C ALA A 195 9.84 -20.16 -5.19
N ARG A 196 9.63 -21.23 -5.96
CA ARG A 196 10.49 -22.41 -5.89
C ARG A 196 11.96 -22.09 -6.04
N ASP A 197 12.28 -21.15 -6.93
CA ASP A 197 13.65 -20.87 -7.31
C ASP A 197 14.26 -19.63 -6.66
N VAL A 198 13.63 -19.10 -5.62
CA VAL A 198 14.18 -17.90 -4.97
C VAL A 198 14.34 -18.03 -3.46
N ASP A 199 15.18 -17.16 -2.89
CA ASP A 199 15.45 -17.13 -1.47
C ASP A 199 14.61 -16.06 -0.77
N PHE A 200 14.16 -15.05 -1.52
CA PHE A 200 13.39 -13.94 -1.00
C PHE A 200 12.28 -13.68 -2.01
N LEU A 201 11.05 -13.59 -1.55
CA LEU A 201 9.91 -13.32 -2.44
C LEU A 201 9.19 -12.06 -1.99
N PHE A 202 9.14 -11.06 -2.86
CA PHE A 202 8.45 -9.82 -2.56
C PHE A 202 7.05 -9.86 -3.15
N VAL A 203 6.04 -9.55 -2.33
CA VAL A 203 4.67 -9.49 -2.82
C VAL A 203 4.31 -8.03 -3.05
N THR A 204 4.22 -7.68 -4.34
CA THR A 204 4.00 -6.31 -4.78
C THR A 204 2.90 -6.31 -5.82
N LEU A 205 1.79 -6.96 -5.46
CA LEU A 205 0.60 -7.04 -6.31
C LEU A 205 -0.32 -5.87 -6.00
N ALA A 206 -0.55 -5.03 -7.00
CA ALA A 206 -1.31 -3.79 -6.82
C ALA A 206 -2.82 -4.05 -6.72
N ALA A 207 -3.28 -5.09 -7.41
CA ALA A 207 -4.70 -5.44 -7.39
C ALA A 207 -4.92 -6.84 -6.82
N SER A 208 -6.19 -7.26 -6.76
CA SER A 208 -6.52 -8.61 -6.35
C SER A 208 -5.93 -9.58 -7.37
N ALA A 209 -5.09 -10.49 -6.89
CA ALA A 209 -4.33 -11.37 -7.77
C ALA A 209 -5.20 -12.31 -8.61
N ALA A 210 -4.70 -12.70 -9.77
CA ALA A 210 -5.28 -13.81 -10.52
C ALA A 210 -4.90 -15.10 -9.80
N THR A 211 -5.61 -16.19 -10.07
CA THR A 211 -5.44 -17.42 -9.30
C THR A 211 -3.99 -17.90 -9.17
N ARG A 212 -3.25 -17.88 -10.27
CA ARG A 212 -1.89 -18.40 -10.26
C ARG A 212 -0.90 -17.45 -9.57
N HIS A 213 -1.39 -16.29 -9.16
CA HIS A 213 -0.54 -15.31 -8.50
C HIS A 213 -0.90 -15.10 -7.03
N ILE A 214 -1.94 -15.79 -6.58
CA ILE A 214 -2.33 -15.74 -5.18
C ILE A 214 -1.32 -16.50 -4.30
N VAL A 215 -0.98 -15.93 -3.14
CA VAL A 215 -0.01 -16.54 -2.25
C VAL A 215 -0.69 -17.42 -1.22
N GLY A 216 -0.82 -18.69 -1.55
CA GLY A 216 -1.41 -19.66 -0.64
C GLY A 216 -0.40 -20.70 -0.19
N ARG A 217 -0.89 -21.81 0.36
CA ARG A 217 -0.01 -22.86 0.87
C ARG A 217 1.03 -23.34 -0.15
N ASP A 218 0.63 -23.54 -1.40
CA ASP A 218 1.57 -24.05 -2.39
C ASP A 218 2.72 -23.07 -2.68
N VAL A 219 2.39 -21.79 -2.79
CA VAL A 219 3.43 -20.78 -3.03
C VAL A 219 4.35 -20.69 -1.83
N ILE A 220 3.75 -20.66 -0.64
CA ILE A 220 4.50 -20.56 0.61
C ILE A 220 5.44 -21.75 0.78
N GLU A 221 4.93 -22.94 0.47
CA GLU A 221 5.74 -24.15 0.62
C GLU A 221 6.89 -24.18 -0.38
N ALA A 222 6.63 -23.70 -1.58
CA ALA A 222 7.67 -23.60 -2.60
C ALA A 222 8.75 -22.59 -2.23
N LEU A 223 8.35 -21.52 -1.54
CA LEU A 223 9.31 -20.53 -1.05
C LEU A 223 10.28 -21.21 -0.08
N GLY A 224 9.75 -22.04 0.81
CA GLY A 224 10.60 -23.03 1.46
C GLY A 224 11.18 -22.68 2.81
N PRO A 225 11.84 -23.66 3.43
CA PRO A 225 12.25 -23.55 4.84
C PRO A 225 13.34 -22.52 5.11
N GLU A 226 14.03 -22.09 4.06
CA GLU A 226 15.01 -21.03 4.21
C GLU A 226 14.67 -19.85 3.32
N GLY A 227 13.43 -19.79 2.85
CA GLY A 227 12.96 -18.66 2.08
C GLY A 227 12.31 -17.64 2.98
N MET A 228 12.19 -16.42 2.45
CA MET A 228 11.61 -15.32 3.18
C MET A 228 10.55 -14.63 2.33
N LEU A 229 9.38 -14.39 2.92
CA LEU A 229 8.30 -13.69 2.26
C LEU A 229 8.26 -12.24 2.76
N ILE A 230 8.28 -11.28 1.83
CA ILE A 230 8.17 -9.88 2.21
C ILE A 230 6.91 -9.30 1.60
N ASN A 231 5.99 -8.84 2.44
CA ASN A 231 4.76 -8.27 1.92
C ASN A 231 4.60 -6.79 2.22
N ILE A 232 4.51 -5.99 1.15
CA ILE A 232 4.26 -4.54 1.25
C ILE A 232 3.04 -4.11 0.43
N SER A 233 2.24 -5.09 -0.01
CA SER A 233 1.02 -4.83 -0.77
C SER A 233 -0.16 -5.46 -0.05
N ARG A 234 -1.36 -5.44 -0.65
CA ARG A 234 -2.57 -5.75 0.13
C ARG A 234 -2.58 -7.09 0.87
N ALA A 235 -3.27 -7.14 2.01
CA ALA A 235 -3.31 -8.33 2.83
C ALA A 235 -4.08 -9.47 2.16
N SER A 236 -5.08 -9.13 1.35
CA SER A 236 -5.99 -10.12 0.76
C SER A 236 -5.31 -11.11 -0.17
N ASN A 237 -4.11 -10.77 -0.63
CA ASN A 237 -3.41 -11.64 -1.57
C ASN A 237 -2.55 -12.71 -0.92
N ILE A 238 -2.54 -12.72 0.41
CA ILE A 238 -1.88 -13.80 1.14
C ILE A 238 -2.86 -14.52 2.07
N ASP A 239 -2.81 -15.85 2.02
CA ASP A 239 -3.58 -16.69 2.93
C ASP A 239 -2.85 -16.67 4.29
N GLU A 240 -3.35 -15.86 5.22
CA GLU A 240 -2.69 -15.72 6.52
C GLU A 240 -2.70 -16.98 7.38
N GLU A 241 -3.76 -17.78 7.28
CA GLU A 241 -3.80 -19.05 7.99
C GLU A 241 -2.73 -20.00 7.48
N ALA A 242 -2.58 -20.05 6.16
CA ALA A 242 -1.53 -20.86 5.56
C ALA A 242 -0.15 -20.32 5.93
N LEU A 243 -0.04 -18.99 5.98
CA LEU A 243 1.25 -18.35 6.27
C LEU A 243 1.66 -18.63 7.72
N ILE A 244 0.73 -18.47 8.64
CA ILE A 244 1.02 -18.71 10.04
C ILE A 244 1.41 -20.17 10.31
N ALA A 245 0.64 -21.10 9.75
CA ALA A 245 0.95 -22.51 9.93
C ALA A 245 2.32 -22.88 9.37
N ALA A 246 2.66 -22.32 8.21
CA ALA A 246 3.94 -22.62 7.59
C ALA A 246 5.11 -22.04 8.39
N LEU A 247 4.95 -20.84 8.92
CA LEU A 247 5.99 -20.25 9.77
C LEU A 247 6.17 -21.04 11.05
N ALA A 248 5.06 -21.49 11.64
CA ALA A 248 5.10 -22.29 12.85
C ALA A 248 5.80 -23.63 12.62
N ASP A 249 5.55 -24.24 11.47
CA ASP A 249 6.05 -25.57 11.11
C ASP A 249 7.48 -25.59 10.63
N GLY A 250 8.00 -24.43 10.24
CA GLY A 250 9.29 -24.36 9.61
C GLY A 250 9.26 -24.60 8.10
N ARG A 251 8.06 -24.74 7.54
CA ARG A 251 7.91 -24.89 6.10
C ARG A 251 8.26 -23.60 5.33
N LEU A 252 8.11 -22.46 6.01
CA LEU A 252 8.61 -21.18 5.51
C LEU A 252 9.61 -20.67 6.52
N GLY A 253 10.73 -20.15 6.02
CA GLY A 253 11.80 -19.69 6.89
C GLY A 253 11.47 -18.45 7.70
N SER A 254 10.94 -17.43 7.05
CA SER A 254 10.66 -16.17 7.73
C SER A 254 9.75 -15.28 6.89
N ALA A 255 9.23 -14.23 7.51
CA ALA A 255 8.38 -13.27 6.84
C ALA A 255 8.64 -11.88 7.38
N ALA A 256 8.45 -10.90 6.51
CA ALA A 256 8.51 -9.50 6.90
C ALA A 256 7.28 -8.85 6.35
N LEU A 257 6.41 -8.34 7.23
CA LEU A 257 5.08 -7.92 6.82
C LEU A 257 4.80 -6.49 7.24
N ASP A 258 4.32 -5.69 6.29
CA ASP A 258 3.94 -4.31 6.55
C ASP A 258 2.42 -4.17 6.46
N VAL A 259 1.72 -5.24 6.11
CA VAL A 259 0.27 -5.15 5.99
C VAL A 259 -0.35 -6.43 6.52
N PHE A 260 -1.54 -6.29 7.12
CA PHE A 260 -2.19 -7.43 7.78
C PHE A 260 -3.70 -7.33 7.64
N GLU A 261 -4.37 -8.48 7.59
CA GLU A 261 -5.83 -8.50 7.64
C GLU A 261 -6.28 -7.91 8.96
N GLY A 262 -7.25 -6.99 8.89
CA GLY A 262 -7.79 -6.38 10.09
C GLY A 262 -6.88 -5.42 10.85
N GLU A 263 -5.79 -5.00 10.22
CA GLU A 263 -4.88 -4.03 10.82
C GLU A 263 -5.63 -2.77 11.25
N PRO A 264 -5.17 -2.13 12.33
CA PRO A 264 -3.97 -2.40 13.14
C PRO A 264 -4.15 -3.55 14.12
N ASN A 265 -5.35 -4.13 14.17
CA ASN A 265 -5.61 -5.27 15.04
C ASN A 265 -5.23 -6.54 14.31
N PHE A 266 -3.92 -6.71 14.07
CA PHE A 266 -3.42 -7.85 13.32
C PHE A 266 -3.48 -9.12 14.17
N ASP A 267 -3.49 -10.28 13.50
CA ASP A 267 -3.55 -11.57 14.16
C ASP A 267 -2.46 -11.72 15.22
N PRO A 268 -2.87 -11.91 16.50
CA PRO A 268 -1.91 -12.00 17.62
C PRO A 268 -0.84 -13.06 17.41
N ARG A 269 -1.16 -14.09 16.63
CA ARG A 269 -0.22 -15.20 16.42
C ARG A 269 1.07 -14.77 15.70
N PHE A 270 0.99 -13.68 14.94
CA PHE A 270 2.18 -13.15 14.29
C PHE A 270 3.21 -12.70 15.31
N ARG A 271 2.73 -12.35 16.50
CA ARG A 271 3.58 -11.86 17.58
C ARG A 271 4.34 -13.01 18.25
N ASP A 272 3.76 -14.20 18.20
CA ASP A 272 4.33 -15.39 18.86
C ASP A 272 5.43 -16.07 18.06
N LEU A 273 5.48 -15.80 16.76
CA LEU A 273 6.46 -16.45 15.89
C LEU A 273 7.84 -15.78 16.01
N PRO A 274 8.91 -16.58 15.99
CA PRO A 274 10.28 -16.08 16.17
C PRO A 274 10.93 -15.60 14.87
N ASN A 275 10.21 -15.74 13.76
CA ASN A 275 10.78 -15.47 12.43
C ASN A 275 9.94 -14.47 11.63
N VAL A 276 9.36 -13.49 12.32
CA VAL A 276 8.49 -12.52 11.67
C VAL A 276 8.88 -11.10 12.05
N LEU A 277 9.16 -10.28 11.04
CA LEU A 277 9.36 -8.85 11.23
C LEU A 277 8.05 -8.11 11.03
N LEU A 278 7.59 -7.41 12.06
CA LEU A 278 6.34 -6.67 11.98
C LEU A 278 6.60 -5.18 11.68
N GLN A 279 5.84 -4.60 10.76
CA GLN A 279 5.86 -3.15 10.54
C GLN A 279 4.42 -2.61 10.44
N PRO A 280 4.18 -1.41 10.99
CA PRO A 280 2.81 -0.89 11.13
C PRO A 280 2.24 -0.18 9.88
N HIS A 281 2.22 -0.89 8.76
CA HIS A 281 1.78 -0.33 7.49
C HIS A 281 2.29 1.08 7.23
N HIS A 282 3.61 1.20 7.20
CA HIS A 282 4.20 2.51 6.97
C HIS A 282 5.15 2.53 5.77
N ALA A 283 4.96 1.61 4.81
CA ALA A 283 5.78 1.67 3.58
C ALA A 283 5.76 3.03 2.88
N SER A 284 4.62 3.71 2.89
CA SER A 284 4.53 5.04 2.29
C SER A 284 4.71 6.15 3.33
N GLY A 285 5.09 5.76 4.55
CA GLY A 285 5.16 6.68 5.68
C GLY A 285 6.38 7.59 5.77
N THR A 286 6.59 8.44 4.79
CA THR A 286 7.62 9.46 4.94
C THR A 286 7.01 10.84 4.85
N ILE A 287 7.69 11.83 5.41
CA ILE A 287 7.21 13.20 5.28
C ILE A 287 7.07 13.60 3.80
N GLU A 288 8.08 13.31 2.99
CA GLU A 288 8.05 13.76 1.60
C GLU A 288 6.92 13.10 0.80
N THR A 289 6.73 11.80 0.99
CA THR A 289 5.68 11.11 0.27
C THR A 289 4.29 11.61 0.69
N ARG A 290 4.07 11.72 1.99
CA ARG A 290 2.76 12.16 2.46
C ARG A 290 2.46 13.60 2.03
N LYS A 291 3.46 14.48 2.08
CA LYS A 291 3.23 15.83 1.57
C LYS A 291 2.90 15.81 0.09
N ALA A 292 3.59 14.98 -0.67
CA ALA A 292 3.33 14.89 -2.09
C ALA A 292 1.91 14.37 -2.40
N MET A 293 1.46 13.39 -1.61
CA MET A 293 0.11 12.84 -1.76
C MET A 293 -0.95 13.91 -1.48
N GLY A 294 -0.77 14.63 -0.37
CA GLY A 294 -1.67 15.71 0.00
C GLY A 294 -1.69 16.82 -1.02
N GLN A 295 -0.50 17.18 -1.52
CA GLN A 295 -0.37 18.21 -2.55
C GLN A 295 -1.12 17.82 -3.83
N LEU A 296 -1.05 16.54 -4.18
CA LEU A 296 -1.70 16.03 -5.38
C LEU A 296 -3.21 16.05 -5.25
N LEU A 297 -3.70 15.63 -4.10
CA LEU A 297 -5.13 15.75 -3.80
C LEU A 297 -5.57 17.19 -3.98
N ARG A 298 -4.84 18.11 -3.35
CA ARG A 298 -5.22 19.51 -3.45
C ARG A 298 -5.09 20.05 -4.87
N ASP A 299 -4.04 19.65 -5.59
CA ASP A 299 -3.85 20.14 -6.95
C ASP A 299 -4.97 19.69 -7.90
N ASN A 300 -5.51 18.50 -7.68
CA ASN A 300 -6.65 18.04 -8.46
C ASN A 300 -7.88 18.90 -8.20
N LEU A 301 -8.13 19.19 -6.93
CA LEU A 301 -9.27 20.03 -6.58
C LEU A 301 -9.11 21.43 -7.17
N THR A 302 -7.91 21.99 -7.04
CA THR A 302 -7.61 23.33 -7.55
C THR A 302 -7.82 23.38 -9.05
N ALA A 303 -7.28 22.38 -9.74
CA ALA A 303 -7.41 22.30 -11.19
C ALA A 303 -8.87 22.20 -11.61
N HIS A 304 -9.63 21.37 -10.92
CA HIS A 304 -11.04 21.18 -11.26
C HIS A 304 -11.82 22.49 -11.21
N PHE A 305 -11.71 23.22 -10.10
CA PHE A 305 -12.52 24.42 -9.93
C PHE A 305 -12.02 25.58 -10.77
N ALA A 306 -10.78 25.47 -11.25
CA ALA A 306 -10.21 26.49 -12.13
C ALA A 306 -10.62 26.28 -13.59
N GLY A 307 -11.17 25.11 -13.90
CA GLY A 307 -11.54 24.77 -15.26
C GLY A 307 -10.37 24.20 -16.04
N SER A 308 -9.36 23.72 -15.31
CA SER A 308 -8.17 23.13 -15.93
C SER A 308 -8.28 21.61 -15.91
N PRO A 309 -7.44 20.92 -16.70
CA PRO A 309 -7.54 19.45 -16.70
C PRO A 309 -7.18 18.87 -15.34
N LEU A 310 -7.83 17.77 -14.98
CA LEU A 310 -7.48 17.03 -13.77
C LEU A 310 -6.08 16.42 -13.94
N LEU A 311 -5.32 16.37 -12.85
CA LEU A 311 -3.95 15.84 -12.93
C LEU A 311 -3.94 14.32 -13.01
N THR A 312 -4.68 13.68 -12.11
CA THR A 312 -4.66 12.23 -12.01
C THR A 312 -6.07 11.61 -11.93
N PRO A 313 -6.85 11.74 -13.02
CA PRO A 313 -8.18 11.14 -13.02
C PRO A 313 -8.16 9.62 -13.11
N VAL A 314 -9.15 8.98 -12.51
CA VAL A 314 -9.31 7.54 -12.65
C VAL A 314 -10.69 7.18 -13.22
N VAL A 315 -11.59 8.15 -13.20
CA VAL A 315 -12.91 7.96 -13.81
C VAL A 315 -13.24 9.18 -14.64
N LEU A 316 -13.60 8.94 -15.91
CA LEU A 316 -13.97 10.01 -16.83
C LEU A 316 -15.39 10.48 -16.60
N GLU A 317 -15.73 11.63 -17.18
CA GLU A 317 -17.09 12.12 -17.13
C GLU A 317 -17.93 11.39 -18.15
N HIS A 318 -18.85 10.55 -17.68
CA HIS A 318 -19.69 9.77 -18.58
C HIS A 318 -21.08 10.37 -18.78
#